data_4BKZ
#
_entry.id   4BKZ
#
_cell.length_a   60.440
_cell.length_b   63.150
_cell.length_c   95.310
_cell.angle_alpha   90.00
_cell.angle_beta   90.00
_cell.angle_gamma   90.00
#
_symmetry.space_group_name_H-M   'P 21 21 21'
#
loop_
_entity.id
_entity.type
_entity.pdbx_description
1 polymer 'MATERNAL EMBRYONIC LEUCINE ZIPPER KINASE'
2 non-polymer N-(3-aminopropyl)-8-[(3-fluorophenyl)amino]-2,4,5,7-tetrahydropyrazolo[3,4-e]indazole-3-carboxamide
3 water water
#
_entity_poly.entity_id   1
_entity_poly.type   'polypeptide(L)'
_entity_poly.pdbx_seq_one_letter_code
;GPKDYDELLKYYELHETIGTGGFAKVKLACHILTGEMVAIKIMDKNTLGSDLPRIKTEIEALKNLRHQHICQLYHVLETA
NKIFMVLEYCPGGELFDYIISQDRLSEEETRVVFRQIVSAVAYVHSQGYAHRDLKPENLLFDEYHKLKLIDFGLCAKPKG
NKDYHLQTCCGSLAYAAPELIQGKSYLGSEADVWSMGILLYVLMCGFLPFDDDNVMALYKKIMRGKYDVPKWLSPSSILL
LQQMLQVDPKKRISMKNLLNHPWIMQDYNYPVEWQSKNPFIHLDDDCVTELSVHHRNNRQTMEDLISLWQYDHLTATYLL
LLAKKARGKPVRLRLSSFSCGHHHHHH
;
_entity_poly.pdbx_strand_id   A
#
loop_
_chem_comp.id
_chem_comp.type
_chem_comp.name
_chem_comp.formula
1WS non-polymer N-(3-aminopropyl)-8-[(3-fluorophenyl)amino]-2,4,5,7-tetrahydropyrazolo[3,4-e]indazole-3-carboxamide 'C18 H20 F N7 O'
#
# COMPACT_ATOMS: atom_id res chain seq x y z
N LYS A 3 24.63 18.11 3.88
CA LYS A 3 23.74 19.32 3.84
C LYS A 3 22.42 19.05 3.09
N ASP A 4 22.37 17.91 2.40
CA ASP A 4 21.12 17.40 1.82
C ASP A 4 20.09 16.96 2.89
N TYR A 5 20.55 16.70 4.11
CA TYR A 5 19.68 16.23 5.21
C TYR A 5 19.26 17.33 6.22
N ASP A 6 19.65 18.58 5.92
CA ASP A 6 19.47 19.72 6.82
C ASP A 6 18.01 20.01 7.13
N GLU A 7 17.19 20.05 6.08
CA GLU A 7 15.78 20.36 6.20
C GLU A 7 15.08 19.22 6.99
N LEU A 8 15.34 17.99 6.56
CA LEU A 8 14.81 16.77 7.17
C LEU A 8 15.08 16.70 8.67
N LEU A 9 16.32 16.99 9.05
CA LEU A 9 16.75 16.93 10.44
C LEU A 9 16.10 18.02 11.32
N LYS A 10 15.43 18.97 10.70
CA LYS A 10 14.62 19.94 11.46
C LYS A 10 13.38 19.25 12.01
N TYR A 11 12.86 18.27 11.26
CA TYR A 11 11.62 17.60 11.62
C TYR A 11 11.77 16.18 12.20
N TYR A 12 12.79 15.47 11.77
CA TYR A 12 12.95 14.07 12.15
C TYR A 12 14.36 13.80 12.62
N GLU A 13 14.47 12.90 13.57
CA GLU A 13 15.70 12.29 14.05
C GLU A 13 15.89 10.92 13.37
N LEU A 14 16.94 10.78 12.57
CA LEU A 14 17.18 9.61 11.73
C LEU A 14 17.69 8.41 12.47
N HIS A 15 17.30 7.23 12.03
CA HIS A 15 17.81 5.99 12.57
C HIS A 15 18.43 5.14 11.51
N GLU A 16 18.46 3.84 11.73
CA GLU A 16 19.06 2.92 10.79
C GLU A 16 18.32 2.82 9.46
N THR A 17 19.06 2.75 8.38
CA THR A 17 18.51 2.42 7.09
C THR A 17 18.07 0.98 7.12
N ILE A 18 16.85 0.70 6.71
CA ILE A 18 16.33 -0.67 6.74
C ILE A 18 16.35 -1.28 5.34
N GLY A 19 16.26 -0.45 4.32
CA GLY A 19 16.21 -0.95 2.95
C GLY A 19 17.07 -0.13 2.03
N THR A 20 17.60 -0.75 0.98
CA THR A 20 18.53 -0.07 0.10
C THR A 20 18.37 -0.48 -1.36
N GLY A 21 18.92 0.35 -2.25
CA GLY A 21 18.91 0.08 -3.70
C GLY A 21 17.52 -0.08 -4.29
N ALA A 24 15.90 4.21 -4.76
CA ALA A 24 15.37 4.56 -3.44
C ALA A 24 16.00 3.75 -2.30
N LYS A 25 16.22 4.42 -1.17
CA LYS A 25 16.53 3.75 0.09
C LYS A 25 15.58 4.22 1.19
N VAL A 26 15.52 3.46 2.28
CA VAL A 26 14.52 3.66 3.31
C VAL A 26 15.19 3.70 4.68
N LYS A 27 14.94 4.79 5.40
CA LYS A 27 15.47 4.97 6.75
C LYS A 27 14.34 5.08 7.76
N LEU A 28 14.48 4.32 8.83
CA LEU A 28 13.65 4.50 10.00
C LEU A 28 14.01 5.85 10.65
N ALA A 29 13.00 6.56 11.15
CA ALA A 29 13.16 7.87 11.75
C ALA A 29 12.02 8.16 12.74
N CYS A 30 12.21 9.19 13.55
CA CYS A 30 11.23 9.62 14.52
C CYS A 30 10.78 11.07 14.21
N HIS A 31 9.48 11.32 14.23
CA HIS A 31 8.93 12.67 14.04
C HIS A 31 8.89 13.35 15.37
N ILE A 32 9.66 14.43 15.48
CA ILE A 32 10.00 15.08 16.75
C ILE A 32 8.79 15.70 17.46
N LEU A 33 7.96 16.43 16.72
CA LEU A 33 6.78 17.06 17.30
C LEU A 33 5.73 16.10 17.90
N THR A 34 5.63 14.87 17.39
CA THR A 34 4.66 13.91 17.92
C THR A 34 5.34 12.76 18.67
N GLY A 35 6.62 12.54 18.39
CA GLY A 35 7.31 11.36 18.87
C GLY A 35 6.93 10.09 18.09
N GLU A 36 6.19 10.20 16.99
CA GLU A 36 5.79 9.02 16.25
C GLU A 36 6.90 8.48 15.31
N MET A 37 7.01 7.16 15.23
CA MET A 37 7.95 6.51 14.34
C MET A 37 7.49 6.64 12.88
N VAL A 38 8.43 6.90 11.97
CA VAL A 38 8.09 6.92 10.55
C VAL A 38 9.16 6.20 9.72
N ALA A 39 8.88 5.98 8.44
CA ALA A 39 9.88 5.52 7.50
C ALA A 39 10.08 6.55 6.43
N ILE A 40 11.33 6.85 6.15
CA ILE A 40 11.66 7.91 5.22
C ILE A 40 12.30 7.30 3.98
N LYS A 41 11.63 7.50 2.84
CA LYS A 41 12.07 7.01 1.57
C LYS A 41 12.86 8.11 0.89
N ILE A 42 14.15 7.87 0.71
CA ILE A 42 15.12 8.83 0.23
C ILE A 42 15.53 8.48 -1.22
N MET A 43 15.31 9.40 -2.14
CA MET A 43 15.67 9.16 -3.53
C MET A 43 16.56 10.25 -4.09
N ASP A 44 17.60 9.83 -4.81
CA ASP A 44 18.50 10.74 -5.50
C ASP A 44 17.90 11.23 -6.82
N LYS A 45 18.12 12.52 -7.13
CA LYS A 45 17.57 13.14 -8.34
C LYS A 45 18.50 13.07 -9.56
N ASN A 46 19.80 13.27 -9.31
CA ASN A 46 20.84 13.19 -10.35
C ASN A 46 20.96 11.78 -10.92
N THR A 47 21.17 10.82 -10.03
CA THR A 47 21.28 9.41 -10.40
C THR A 47 19.90 8.82 -10.71
N LEU A 48 19.14 9.54 -11.53
CA LEU A 48 17.79 9.18 -11.94
C LEU A 48 17.27 10.23 -12.92
N LEU A 52 12.70 8.94 -12.81
CA LEU A 52 12.46 10.23 -12.19
C LEU A 52 10.98 10.69 -12.23
N PRO A 53 10.33 10.68 -13.41
CA PRO A 53 8.88 10.97 -13.32
C PRO A 53 8.10 9.80 -12.69
N ARG A 54 8.77 8.67 -12.48
CA ARG A 54 8.23 7.56 -11.72
C ARG A 54 7.91 8.00 -10.28
N ILE A 55 8.74 8.90 -9.75
CA ILE A 55 8.59 9.41 -8.39
C ILE A 55 7.42 10.40 -8.30
N LYS A 56 7.34 11.30 -9.28
CA LYS A 56 6.26 12.27 -9.35
C LYS A 56 4.92 11.56 -9.51
N THR A 57 4.89 10.51 -10.33
CA THR A 57 3.69 9.68 -10.47
C THR A 57 3.22 9.25 -9.09
N GLU A 58 4.09 8.56 -8.36
CA GLU A 58 3.78 7.99 -7.07
C GLU A 58 3.29 9.06 -6.09
N ILE A 59 4.08 10.11 -5.92
CA ILE A 59 3.79 11.19 -4.98
C ILE A 59 2.41 11.74 -5.25
N GLU A 60 2.12 11.95 -6.54
CA GLU A 60 0.84 12.49 -6.95
C GLU A 60 -0.27 11.51 -6.62
N ALA A 61 0.00 10.22 -6.79
CA ALA A 61 -0.99 9.21 -6.46
C ALA A 61 -1.29 9.23 -4.94
N LEU A 62 -0.24 9.13 -4.13
CA LEU A 62 -0.39 9.06 -2.66
C LEU A 62 -0.98 10.30 -2.03
N LYS A 63 -0.83 11.43 -2.72
CA LYS A 63 -1.42 12.68 -2.24
C LYS A 63 -2.93 12.54 -2.35
N ASN A 64 -3.36 11.83 -3.38
CA ASN A 64 -4.78 11.67 -3.73
C ASN A 64 -5.47 10.45 -3.11
N LEU A 65 -4.66 9.50 -2.63
CA LEU A 65 -5.17 8.27 -2.07
C LEU A 65 -4.91 8.27 -0.58
N ARG A 66 -5.91 7.84 0.17
CA ARG A 66 -5.86 7.79 1.63
C ARG A 66 -6.82 6.70 2.13
N HIS A 67 -6.27 5.73 2.86
CA HIS A 67 -6.95 4.46 3.15
C HIS A 67 -6.26 3.68 4.23
N GLN A 68 -7.05 2.97 5.02
CA GLN A 68 -6.59 2.09 6.08
C GLN A 68 -5.59 1.01 5.64
N HIS A 69 -5.62 0.63 4.36
CA HIS A 69 -4.68 -0.36 3.82
C HIS A 69 -3.75 0.17 2.82
N ILE A 70 -3.59 1.48 2.80
CA ILE A 70 -2.52 2.05 1.99
C ILE A 70 -1.54 2.76 2.92
N CYS A 71 -0.27 2.43 2.76
CA CYS A 71 0.80 3.07 3.53
C CYS A 71 0.73 4.56 3.29
N GLN A 72 0.46 5.30 4.37
CA GLN A 72 0.19 6.73 4.32
C GLN A 72 1.43 7.62 4.08
N LEU A 73 1.33 8.48 3.07
CA LEU A 73 2.28 9.57 2.87
C LEU A 73 1.98 10.72 3.83
N TYR A 74 2.97 11.08 4.64
CA TYR A 74 2.84 12.20 5.54
C TYR A 74 3.41 13.51 5.00
N HIS A 75 4.48 13.43 4.21
CA HIS A 75 5.36 14.58 4.04
C HIS A 75 6.27 14.44 2.84
N VAL A 76 6.19 15.37 1.89
CA VAL A 76 7.16 15.44 0.80
C VAL A 76 8.12 16.61 0.99
N LEU A 77 9.41 16.30 1.18
CA LEU A 77 10.48 17.31 1.14
C LEU A 77 11.33 17.12 -0.11
N GLU A 78 11.81 18.24 -0.66
CA GLU A 78 12.67 18.20 -1.83
C GLU A 78 13.88 19.13 -1.68
N THR A 79 15.08 18.60 -1.88
CA THR A 79 16.28 19.43 -1.94
C THR A 79 16.84 19.45 -3.36
N ALA A 80 17.93 20.19 -3.58
CA ALA A 80 18.56 20.25 -4.89
C ALA A 80 18.87 18.84 -5.39
N ASN A 81 19.40 18.00 -4.51
CA ASN A 81 19.78 16.62 -4.83
C ASN A 81 18.73 15.55 -4.51
N LYS A 82 18.12 15.66 -3.33
CA LYS A 82 17.29 14.58 -2.80
C LYS A 82 15.79 14.84 -2.90
N ILE A 83 15.03 13.74 -2.90
CA ILE A 83 13.61 13.78 -2.58
C ILE A 83 13.31 12.85 -1.41
N PHE A 84 12.60 13.36 -0.42
CA PHE A 84 12.25 12.58 0.75
C PHE A 84 10.73 12.36 0.79
N MET A 85 10.36 11.12 1.11
CA MET A 85 8.95 10.78 1.30
C MET A 85 8.87 10.17 2.68
N VAL A 86 8.10 10.82 3.55
CA VAL A 86 7.92 10.34 4.90
C VAL A 86 6.61 9.58 4.91
N LEU A 87 6.71 8.32 5.28
CA LEU A 87 5.66 7.33 5.09
C LEU A 87 5.33 6.67 6.40
N GLU A 88 4.12 6.12 6.46
CA GLU A 88 3.68 5.35 7.59
C GLU A 88 4.64 4.21 7.84
N TYR A 89 4.94 4.01 9.12
CA TYR A 89 5.94 3.08 9.58
C TYR A 89 5.32 1.69 9.75
N CYS A 90 5.84 0.70 9.02
CA CYS A 90 5.24 -0.65 9.05
C CYS A 90 6.25 -1.66 9.60
N PRO A 91 6.25 -1.86 10.93
CA PRO A 91 7.36 -2.67 11.44
C PRO A 91 7.27 -4.15 11.01
N GLY A 92 6.03 -4.66 10.86
CA GLY A 92 5.75 -6.04 10.45
C GLY A 92 6.50 -6.61 9.27
N GLY A 93 7.13 -5.75 8.46
CA GLY A 93 7.91 -6.22 7.31
C GLY A 93 7.03 -6.58 6.12
N GLU A 94 7.64 -7.05 5.03
CA GLU A 94 6.97 -7.41 3.79
C GLU A 94 6.13 -8.69 3.91
N LEU A 95 5.04 -8.73 3.16
CA LEU A 95 4.28 -9.97 2.98
C LEU A 95 5.19 -11.07 2.43
N PHE A 96 6.00 -10.72 1.42
CA PHE A 96 7.03 -11.59 0.85
C PHE A 96 7.78 -12.42 1.89
N ASP A 97 8.48 -11.76 2.82
CA ASP A 97 9.28 -12.44 3.86
C ASP A 97 8.44 -13.32 4.79
N TYR A 98 7.17 -12.98 4.92
CA TYR A 98 6.30 -13.69 5.82
C TYR A 98 5.85 -15.04 5.23
N ILE A 99 5.62 -15.06 3.91
CA ILE A 99 5.28 -16.27 3.16
C ILE A 99 6.47 -17.21 3.19
N ILE A 100 7.65 -16.65 2.95
CA ILE A 100 8.90 -17.39 3.00
C ILE A 100 9.16 -18.09 4.35
N SER A 101 8.81 -17.43 5.45
CA SER A 101 9.01 -18.02 6.76
C SER A 101 8.01 -19.14 7.04
N GLN A 102 6.76 -18.95 6.60
CA GLN A 102 5.67 -19.91 6.80
C GLN A 102 5.64 -21.02 5.75
N ASP A 103 6.39 -20.85 4.67
CA ASP A 103 6.28 -21.69 3.46
C ASP A 103 5.04 -21.31 2.66
N ARG A 104 3.87 -21.46 3.25
CA ARG A 104 2.64 -20.98 2.62
C ARG A 104 1.59 -20.69 3.68
N LEU A 105 0.60 -19.89 3.34
CA LEU A 105 -0.49 -19.59 4.28
C LEU A 105 -1.66 -20.55 4.13
N SER A 106 -2.35 -20.81 5.23
CA SER A 106 -3.53 -21.65 5.17
C SER A 106 -4.58 -20.85 4.40
N GLU A 107 -5.65 -21.51 3.97
CA GLU A 107 -6.70 -20.80 3.27
C GLU A 107 -7.30 -19.69 4.18
N GLU A 108 -7.51 -20.04 5.45
CA GLU A 108 -8.06 -19.15 6.49
C GLU A 108 -7.18 -17.92 6.65
N GLU A 109 -5.87 -18.11 6.82
CA GLU A 109 -4.97 -16.97 6.94
C GLU A 109 -4.79 -16.21 5.64
N THR A 110 -4.73 -16.90 4.51
CA THR A 110 -4.75 -16.24 3.22
C THR A 110 -5.95 -15.30 3.07
N ARG A 111 -7.12 -15.76 3.50
CA ARG A 111 -8.38 -14.98 3.40
C ARG A 111 -8.32 -13.66 4.20
N VAL A 112 -7.77 -13.74 5.40
CA VAL A 112 -7.59 -12.59 6.32
C VAL A 112 -6.77 -11.50 5.61
N VAL A 113 -5.63 -11.91 5.05
CA VAL A 113 -4.71 -11.07 4.30
C VAL A 113 -5.32 -10.61 2.97
N PHE A 114 -5.94 -11.52 2.23
CA PHE A 114 -6.40 -11.22 0.89
C PHE A 114 -7.53 -10.18 0.90
N ARG A 115 -8.37 -10.25 1.92
CA ARG A 115 -9.45 -9.27 2.08
C ARG A 115 -8.92 -7.86 2.19
N GLN A 116 -7.81 -7.73 2.91
CA GLN A 116 -7.13 -6.43 3.06
C GLN A 116 -6.57 -5.90 1.73
N ILE A 117 -6.01 -6.81 0.91
CA ILE A 117 -5.52 -6.47 -0.41
C ILE A 117 -6.68 -5.99 -1.27
N VAL A 118 -7.79 -6.72 -1.28
CA VAL A 118 -8.95 -6.38 -2.10
C VAL A 118 -9.48 -5.00 -1.70
N SER A 119 -9.52 -4.77 -0.38
CA SER A 119 -10.00 -3.52 0.16
C SER A 119 -9.15 -2.37 -0.42
N ALA A 120 -7.82 -2.50 -0.34
CA ALA A 120 -6.92 -1.43 -0.78
C ALA A 120 -7.09 -1.23 -2.27
N VAL A 121 -7.03 -2.32 -3.04
CA VAL A 121 -7.10 -2.24 -4.51
C VAL A 121 -8.47 -1.76 -5.04
N ALA A 122 -9.54 -2.23 -4.40
CA ALA A 122 -10.88 -1.77 -4.76
C ALA A 122 -10.97 -0.25 -4.55
N TYR A 123 -10.50 0.22 -3.41
CA TYR A 123 -10.45 1.66 -3.21
C TYR A 123 -9.59 2.41 -4.27
N VAL A 124 -8.40 1.88 -4.57
CA VAL A 124 -7.53 2.52 -5.59
C VAL A 124 -8.28 2.69 -6.92
N HIS A 125 -9.00 1.65 -7.32
CA HIS A 125 -9.84 1.69 -8.53
C HIS A 125 -10.98 2.68 -8.43
N SER A 126 -11.61 2.75 -7.25
CA SER A 126 -12.69 3.72 -7.02
C SER A 126 -12.23 5.18 -7.22
N GLN A 127 -10.97 5.45 -6.91
CA GLN A 127 -10.37 6.77 -7.06
C GLN A 127 -9.90 7.07 -8.48
N GLY A 128 -10.02 6.10 -9.38
CA GLY A 128 -9.58 6.31 -10.76
C GLY A 128 -8.17 5.86 -11.11
N TYR A 129 -7.53 5.12 -10.22
CA TYR A 129 -6.15 4.64 -10.49
C TYR A 129 -6.08 3.12 -10.65
N ALA A 130 -5.00 2.66 -11.25
CA ALA A 130 -4.60 1.25 -11.25
C ALA A 130 -3.19 1.20 -10.68
N HIS A 131 -2.93 0.24 -9.79
CA HIS A 131 -1.61 0.13 -9.15
C HIS A 131 -0.58 -0.37 -10.12
N ARG A 132 -0.93 -1.40 -10.88
CA ARG A 132 -0.09 -1.98 -11.95
C ARG A 132 1.19 -2.75 -11.54
N ASP A 133 1.53 -2.78 -10.25
CA ASP A 133 2.73 -3.51 -9.82
C ASP A 133 2.49 -4.23 -8.49
N LEU A 134 1.33 -4.89 -8.39
CA LEU A 134 0.93 -5.62 -7.18
C LEU A 134 1.71 -6.94 -7.00
N LYS A 135 2.31 -7.11 -5.83
CA LYS A 135 3.20 -8.25 -5.53
C LYS A 135 3.55 -8.20 -4.05
N PRO A 136 4.01 -9.32 -3.46
CA PRO A 136 4.16 -9.41 -1.99
C PRO A 136 5.16 -8.44 -1.38
N GLU A 137 6.14 -8.05 -2.20
CA GLU A 137 7.12 -7.04 -1.85
C GLU A 137 6.46 -5.68 -1.70
N ASN A 138 5.30 -5.48 -2.32
CA ASN A 138 4.61 -4.18 -2.23
C ASN A 138 3.53 -4.12 -1.18
N LEU A 139 3.58 -5.06 -0.23
CA LEU A 139 2.60 -5.12 0.85
C LEU A 139 3.28 -5.33 2.18
N LEU A 140 3.03 -4.42 3.13
CA LEU A 140 3.71 -4.48 4.44
C LEU A 140 2.72 -4.68 5.57
N PHE A 141 3.20 -5.21 6.69
CA PHE A 141 2.38 -5.38 7.88
C PHE A 141 2.71 -4.27 8.88
N ASP A 142 1.69 -3.62 9.41
CA ASP A 142 1.91 -2.65 10.45
C ASP A 142 1.99 -3.37 11.78
N GLU A 143 2.06 -2.61 12.86
CA GLU A 143 2.26 -3.14 14.21
C GLU A 143 1.05 -3.94 14.70
N TYR A 144 -0.10 -3.73 14.06
CA TYR A 144 -1.28 -4.54 14.36
C TYR A 144 -1.44 -5.68 13.36
N HIS A 145 -0.36 -6.02 12.65
CA HIS A 145 -0.40 -7.03 11.59
C HIS A 145 -1.51 -6.76 10.59
N LYS A 146 -1.71 -5.47 10.27
CA LYS A 146 -2.60 -5.03 9.20
C LYS A 146 -1.78 -4.73 7.93
N LEU A 147 -2.30 -5.14 6.79
CA LEU A 147 -1.62 -4.89 5.52
C LEU A 147 -1.66 -3.43 5.12
N LYS A 148 -0.54 -2.96 4.57
CA LYS A 148 -0.42 -1.63 3.97
C LYS A 148 0.22 -1.76 2.60
N LEU A 149 -0.43 -1.19 1.60
CA LEU A 149 0.03 -1.24 0.23
C LEU A 149 1.05 -0.12 -0.05
N ILE A 150 2.15 -0.46 -0.71
CA ILE A 150 3.15 0.55 -1.12
C ILE A 150 3.45 0.63 -2.62
N ASP A 151 4.27 1.62 -2.97
CA ASP A 151 4.87 1.81 -4.30
C ASP A 151 3.91 2.01 -5.47
N PHE A 152 3.36 3.22 -5.55
CA PHE A 152 2.45 3.61 -6.63
C PHE A 152 3.19 4.29 -7.79
N GLY A 153 4.46 3.94 -7.97
CA GLY A 153 5.33 4.52 -8.99
C GLY A 153 5.03 4.09 -10.42
N LEU A 154 4.48 2.88 -10.59
CA LEU A 154 4.12 2.35 -11.92
C LEU A 154 2.61 2.49 -12.20
N CYS A 155 1.92 3.22 -11.32
CA CYS A 155 0.45 3.31 -11.38
C CYS A 155 -0.09 4.21 -12.50
N ALA A 156 -1.25 3.84 -13.04
CA ALA A 156 -1.93 4.62 -14.08
C ALA A 156 -2.80 5.72 -13.51
N SER A 172 8.37 -8.81 -11.17
CA SER A 172 7.03 -8.28 -11.41
C SER A 172 6.41 -8.74 -12.74
N LEU A 173 7.23 -9.23 -13.68
CA LEU A 173 6.72 -9.88 -14.90
C LEU A 173 5.86 -11.10 -14.56
N ALA A 174 6.31 -11.87 -13.57
CA ALA A 174 5.56 -12.93 -12.93
C ALA A 174 4.15 -12.50 -12.56
N TYR A 175 3.99 -11.24 -12.16
CA TYR A 175 2.69 -10.68 -11.73
C TYR A 175 1.93 -9.90 -12.80
N ALA A 176 2.43 -9.87 -14.03
CA ALA A 176 1.82 -8.99 -15.04
C ALA A 176 0.75 -9.72 -15.81
N ALA A 177 -0.39 -9.07 -15.99
CA ALA A 177 -1.52 -9.61 -16.79
C ALA A 177 -1.12 -9.76 -18.24
N PRO A 178 -1.67 -10.78 -18.94
CA PRO A 178 -1.32 -10.97 -20.36
C PRO A 178 -1.48 -9.71 -21.23
N GLU A 179 -2.61 -9.00 -21.08
CA GLU A 179 -2.90 -7.85 -21.92
C GLU A 179 -2.02 -6.63 -21.58
N LEU A 180 -1.41 -6.65 -20.41
CA LEU A 180 -0.57 -5.55 -19.97
C LEU A 180 0.77 -5.74 -20.65
N ILE A 181 1.26 -6.96 -20.54
CA ILE A 181 2.44 -7.45 -21.22
C ILE A 181 2.40 -7.14 -22.73
N GLN A 182 1.23 -7.33 -23.35
CA GLN A 182 1.06 -7.08 -24.77
C GLN A 182 0.80 -5.63 -25.16
N GLY A 183 0.86 -4.70 -24.21
CA GLY A 183 0.78 -3.27 -24.51
C GLY A 183 -0.61 -2.71 -24.80
N GLY A 188 -6.91 -1.66 -17.44
CA GLY A 188 -6.04 -1.16 -16.38
C GLY A 188 -6.39 -1.78 -15.04
N SER A 189 -7.69 -1.86 -14.74
CA SER A 189 -8.15 -2.43 -13.49
C SER A 189 -8.30 -3.95 -13.57
N GLU A 190 -8.60 -4.46 -14.77
CA GLU A 190 -8.56 -5.90 -15.09
C GLU A 190 -7.19 -6.50 -14.80
N ALA A 191 -6.13 -5.75 -15.15
CA ALA A 191 -4.75 -6.18 -14.94
C ALA A 191 -4.44 -6.36 -13.46
N ASP A 192 -4.99 -5.48 -12.61
CA ASP A 192 -4.85 -5.60 -11.16
C ASP A 192 -5.52 -6.85 -10.60
N VAL A 193 -6.67 -7.21 -11.17
CA VAL A 193 -7.40 -8.43 -10.77
C VAL A 193 -6.53 -9.66 -11.05
N TRP A 194 -5.93 -9.68 -12.24
CA TRP A 194 -4.96 -10.70 -12.59
C TRP A 194 -3.83 -10.74 -11.60
N SER A 195 -3.23 -9.60 -11.26
CA SER A 195 -2.10 -9.61 -10.32
C SER A 195 -2.48 -10.09 -8.91
N MET A 196 -3.68 -9.71 -8.47
CA MET A 196 -4.26 -10.22 -7.22
C MET A 196 -4.41 -11.73 -7.26
N GLY A 197 -4.79 -12.26 -8.41
CA GLY A 197 -4.84 -13.71 -8.67
C GLY A 197 -3.52 -14.42 -8.45
N ILE A 198 -2.46 -13.88 -9.03
CA ILE A 198 -1.08 -14.40 -8.83
C ILE A 198 -0.72 -14.35 -7.36
N LEU A 199 -1.08 -13.25 -6.72
CA LEU A 199 -0.82 -13.07 -5.30
C LEU A 199 -1.54 -14.10 -4.45
N LEU A 200 -2.82 -14.29 -4.78
CA LEU A 200 -3.66 -15.33 -4.13
C LEU A 200 -2.96 -16.72 -4.24
N TYR A 201 -2.52 -17.06 -5.44
CA TYR A 201 -1.81 -18.30 -5.68
C TYR A 201 -0.57 -18.40 -4.80
N VAL A 202 0.25 -17.35 -4.80
CA VAL A 202 1.49 -17.36 -4.00
C VAL A 202 1.26 -17.54 -2.49
N LEU A 203 0.31 -16.79 -1.93
CA LEU A 203 -0.08 -16.92 -0.53
C LEU A 203 -0.41 -18.37 -0.13
N MET A 204 -1.20 -19.02 -0.97
CA MET A 204 -1.69 -20.36 -0.66
C MET A 204 -0.74 -21.45 -1.06
N CYS A 205 0.13 -21.16 -2.03
CA CYS A 205 1.07 -22.15 -2.56
C CYS A 205 2.54 -21.97 -2.15
N GLY A 206 2.97 -20.73 -1.91
CA GLY A 206 4.37 -20.45 -1.58
C GLY A 206 5.31 -20.35 -2.78
N PHE A 207 4.77 -20.40 -4.01
CA PHE A 207 5.56 -20.24 -5.25
C PHE A 207 4.66 -19.69 -6.34
N LEU A 208 5.26 -19.23 -7.43
CA LEU A 208 4.52 -18.63 -8.55
C LEU A 208 3.77 -19.64 -9.38
N PRO A 209 2.61 -19.25 -9.94
CA PRO A 209 1.89 -20.10 -10.89
C PRO A 209 2.61 -20.16 -12.26
N PHE A 210 3.29 -19.08 -12.61
CA PHE A 210 4.09 -18.96 -13.85
C PHE A 210 5.49 -18.49 -13.51
N ASP A 211 6.51 -19.30 -13.81
CA ASP A 211 7.88 -18.87 -13.58
C ASP A 211 8.81 -19.48 -14.62
N ASP A 212 9.88 -18.75 -14.94
CA ASP A 212 10.94 -19.29 -15.79
C ASP A 212 12.18 -18.41 -15.77
N ASP A 213 13.35 -19.04 -15.89
CA ASP A 213 14.63 -18.36 -16.11
C ASP A 213 14.57 -17.32 -17.24
N ASN A 214 13.95 -17.72 -18.34
CA ASN A 214 13.94 -16.92 -19.53
C ASN A 214 12.63 -16.13 -19.70
N VAL A 215 12.79 -14.82 -19.84
CA VAL A 215 11.69 -13.86 -19.89
C VAL A 215 10.64 -14.18 -20.95
N MET A 216 11.10 -14.56 -22.16
CA MET A 216 10.20 -14.89 -23.26
C MET A 216 9.48 -16.21 -23.02
N ALA A 217 10.15 -17.17 -22.35
CA ALA A 217 9.51 -18.42 -21.96
C ALA A 217 8.41 -18.12 -20.91
N LEU A 218 8.75 -17.29 -19.91
CA LEU A 218 7.77 -16.81 -18.96
C LEU A 218 6.58 -16.10 -19.63
N TYR A 219 6.90 -15.19 -20.55
CA TYR A 219 5.87 -14.45 -21.30
C TYR A 219 4.86 -15.44 -21.94
N LYS A 220 5.38 -16.51 -22.52
CA LYS A 220 4.60 -17.56 -23.16
C LYS A 220 3.69 -18.37 -22.18
N LYS A 221 4.25 -18.76 -21.02
CA LYS A 221 3.49 -19.46 -19.97
C LYS A 221 2.31 -18.61 -19.54
N ILE A 222 2.58 -17.35 -19.22
CA ILE A 222 1.54 -16.37 -18.89
C ILE A 222 0.44 -16.28 -19.99
N MET A 223 0.86 -16.28 -21.26
CA MET A 223 -0.09 -16.17 -22.39
C MET A 223 -0.96 -17.41 -22.51
N ARG A 224 -0.36 -18.58 -22.24
CA ARG A 224 -1.06 -19.84 -22.26
C ARG A 224 -1.99 -19.98 -21.06
N GLY A 225 -1.59 -19.46 -19.90
CA GLY A 225 -2.45 -19.43 -18.73
C GLY A 225 -2.63 -20.72 -17.96
N LYS A 226 -1.77 -21.71 -18.21
CA LYS A 226 -1.88 -22.99 -17.54
C LYS A 226 -0.87 -23.03 -16.40
N TYR A 227 -1.34 -23.44 -15.22
CA TYR A 227 -0.49 -23.53 -14.03
C TYR A 227 -0.81 -24.79 -13.23
N ASP A 228 0.14 -25.22 -12.40
CA ASP A 228 -0.05 -26.35 -11.51
C ASP A 228 -1.14 -25.96 -10.49
N VAL A 229 -2.00 -26.91 -10.16
CA VAL A 229 -3.02 -26.69 -9.15
C VAL A 229 -2.69 -27.66 -8.00
N PRO A 230 -2.05 -27.18 -6.93
CA PRO A 230 -1.52 -28.09 -5.90
C PRO A 230 -2.58 -28.84 -5.10
N LYS A 231 -2.20 -29.97 -4.50
CA LYS A 231 -3.18 -30.88 -3.92
C LYS A 231 -3.90 -30.27 -2.72
N TRP A 232 -3.26 -29.30 -2.04
CA TRP A 232 -3.78 -28.81 -0.77
C TRP A 232 -4.81 -27.72 -0.97
N LEU A 233 -5.01 -27.26 -2.20
CA LEU A 233 -6.04 -26.23 -2.46
C LEU A 233 -7.47 -26.80 -2.41
N SER A 234 -8.38 -26.04 -1.79
CA SER A 234 -9.77 -26.42 -1.67
C SER A 234 -10.43 -26.15 -3.01
N PRO A 235 -11.60 -26.79 -3.30
CA PRO A 235 -12.33 -26.56 -4.54
C PRO A 235 -12.70 -25.10 -4.71
N SER A 236 -13.06 -24.46 -3.60
CA SER A 236 -13.41 -23.06 -3.60
C SER A 236 -12.21 -22.13 -3.95
N SER A 237 -11.03 -22.38 -3.35
CA SER A 237 -9.78 -21.71 -3.77
C SER A 237 -9.53 -21.80 -5.28
N ILE A 238 -9.54 -23.03 -5.80
CA ILE A 238 -9.27 -23.34 -7.20
C ILE A 238 -10.23 -22.61 -8.12
N LEU A 239 -11.49 -22.56 -7.72
CA LEU A 239 -12.51 -21.87 -8.50
C LEU A 239 -12.31 -20.35 -8.53
N LEU A 240 -11.96 -19.75 -7.39
CA LEU A 240 -11.60 -18.32 -7.39
C LEU A 240 -10.35 -18.03 -8.24
N LEU A 241 -9.32 -18.84 -8.07
CA LEU A 241 -8.09 -18.67 -8.85
C LEU A 241 -8.37 -18.66 -10.34
N GLN A 242 -9.26 -19.55 -10.75
CA GLN A 242 -9.59 -19.77 -12.15
C GLN A 242 -10.35 -18.59 -12.74
N GLN A 243 -11.16 -17.95 -11.90
CA GLN A 243 -11.87 -16.74 -12.30
C GLN A 243 -10.97 -15.52 -12.42
N MET A 244 -9.99 -15.42 -11.55
CA MET A 244 -9.12 -14.25 -11.51
C MET A 244 -8.05 -14.38 -12.59
N LEU A 245 -7.58 -15.60 -12.80
CA LEU A 245 -6.50 -15.87 -13.76
C LEU A 245 -7.05 -16.31 -15.13
N GLN A 246 -8.01 -15.55 -15.65
CA GLN A 246 -8.47 -15.72 -17.02
C GLN A 246 -7.59 -14.85 -17.91
N VAL A 247 -6.97 -15.46 -18.91
CA VAL A 247 -6.12 -14.74 -19.88
C VAL A 247 -6.85 -13.59 -20.59
N ASP A 248 -8.08 -13.85 -21.04
CA ASP A 248 -8.92 -12.82 -21.66
C ASP A 248 -9.52 -11.91 -20.56
N PRO A 249 -9.14 -10.62 -20.55
CA PRO A 249 -9.56 -9.76 -19.43
C PRO A 249 -11.07 -9.62 -19.31
N LYS A 250 -11.78 -9.83 -20.42
CA LYS A 250 -13.22 -9.70 -20.43
C LYS A 250 -13.92 -10.91 -19.77
N LYS A 251 -13.31 -12.09 -19.82
CA LYS A 251 -13.83 -13.28 -19.09
C LYS A 251 -13.45 -13.35 -17.59
N ARG A 252 -12.66 -12.39 -17.12
CA ARG A 252 -12.04 -12.39 -15.79
C ARG A 252 -13.00 -11.74 -14.80
N ILE A 253 -13.12 -12.32 -13.59
CA ILE A 253 -14.00 -11.75 -12.57
C ILE A 253 -13.71 -10.24 -12.42
N SER A 254 -14.76 -9.45 -12.28
CA SER A 254 -14.60 -8.03 -12.10
C SER A 254 -14.36 -7.70 -10.63
N MET A 255 -13.77 -6.54 -10.36
CA MET A 255 -13.49 -6.13 -9.00
C MET A 255 -14.73 -6.07 -8.10
N LYS A 256 -15.86 -5.66 -8.69
CA LYS A 256 -17.09 -5.50 -7.94
C LYS A 256 -17.53 -6.89 -7.43
N ASN A 257 -17.52 -7.87 -8.32
CA ASN A 257 -17.88 -9.24 -7.99
C ASN A 257 -16.90 -9.97 -7.09
N LEU A 258 -15.65 -9.47 -7.02
CA LEU A 258 -14.67 -10.01 -6.13
C LEU A 258 -15.01 -9.63 -4.69
N LEU A 259 -15.59 -8.44 -4.49
CA LEU A 259 -15.85 -7.92 -3.13
C LEU A 259 -16.80 -8.80 -2.35
N ASN A 260 -17.68 -9.50 -3.06
CA ASN A 260 -18.62 -10.40 -2.38
C ASN A 260 -18.55 -11.84 -2.90
N HIS A 261 -17.40 -12.24 -3.45
CA HIS A 261 -17.26 -13.62 -3.92
C HIS A 261 -17.51 -14.58 -2.78
N PRO A 262 -18.19 -15.72 -3.07
CA PRO A 262 -18.38 -16.78 -2.07
C PRO A 262 -17.12 -17.08 -1.26
N TRP A 263 -15.98 -17.22 -1.92
CA TRP A 263 -14.72 -17.53 -1.19
C TRP A 263 -14.32 -16.44 -0.22
N ILE A 264 -14.46 -15.20 -0.68
CA ILE A 264 -14.11 -13.99 0.07
C ILE A 264 -15.00 -13.83 1.31
N MET A 265 -16.25 -14.27 1.15
CA MET A 265 -17.30 -14.17 2.17
C MET A 265 -17.26 -15.28 3.21
N GLN A 266 -16.63 -16.39 2.86
CA GLN A 266 -16.50 -17.54 3.74
CA GLN A 266 -16.57 -17.54 3.76
C GLN A 266 -16.00 -17.10 5.12
N ASP A 267 -16.70 -17.50 6.18
CA ASP A 267 -16.30 -17.20 7.56
C ASP A 267 -16.52 -15.74 8.00
N TYR A 268 -16.80 -14.85 7.06
CA TYR A 268 -17.01 -13.43 7.37
C TYR A 268 -18.49 -13.09 7.25
N ASN A 269 -19.08 -13.52 6.15
CA ASN A 269 -20.50 -13.32 5.85
C ASN A 269 -20.87 -11.87 5.65
N TYR A 270 -19.89 -11.04 5.34
CA TYR A 270 -20.13 -9.69 4.81
C TYR A 270 -19.08 -9.39 3.71
N PRO A 271 -19.42 -8.56 2.70
CA PRO A 271 -18.43 -8.21 1.65
C PRO A 271 -17.22 -7.42 2.17
N VAL A 272 -16.14 -7.40 1.40
CA VAL A 272 -14.98 -6.58 1.74
C VAL A 272 -15.40 -5.11 1.89
N GLU A 273 -15.05 -4.53 3.04
CA GLU A 273 -15.21 -3.10 3.29
C GLU A 273 -14.03 -2.33 2.69
N TRP A 274 -14.25 -1.80 1.48
CA TRP A 274 -13.20 -1.19 0.69
C TRP A 274 -13.20 0.31 0.81
N GLN A 275 -14.33 0.87 1.22
CA GLN A 275 -14.45 2.31 1.40
C GLN A 275 -13.51 2.76 2.49
N SER A 276 -12.81 3.85 2.19
CA SER A 276 -11.84 4.44 3.10
C SER A 276 -12.48 4.91 4.41
N LYS A 277 -11.89 4.54 5.53
CA LYS A 277 -11.99 5.37 6.72
C LYS A 277 -10.87 6.37 6.41
N ASN A 278 -10.34 7.14 7.36
CA ASN A 278 -9.25 8.08 6.97
C ASN A 278 -9.71 9.15 5.96
N PRO A 279 -10.66 10.02 6.35
CA PRO A 279 -11.21 11.00 5.37
C PRO A 279 -10.23 12.09 4.90
N PHE A 280 -10.55 12.73 3.77
CA PHE A 280 -9.97 14.03 3.40
C PHE A 280 -10.80 15.19 3.99
N ILE A 281 -12.13 15.02 4.00
CA ILE A 281 -13.05 16.09 4.42
C ILE A 281 -13.27 16.20 5.94
N HIS A 282 -13.79 15.17 6.59
CA HIS A 282 -13.94 15.24 8.04
C HIS A 282 -12.59 15.43 8.63
N LEU A 283 -12.48 16.40 9.54
CA LEU A 283 -11.28 16.60 10.36
C LEU A 283 -11.52 16.21 11.82
N ASP A 284 -10.47 15.74 12.49
CA ASP A 284 -10.55 15.41 13.91
C ASP A 284 -10.47 16.67 14.79
N ASP A 285 -11.45 16.82 15.69
CA ASP A 285 -11.52 18.02 16.52
C ASP A 285 -10.35 18.15 17.49
N ASP A 286 -9.98 17.06 18.16
CA ASP A 286 -8.85 17.09 19.08
C ASP A 286 -7.56 17.51 18.39
N CYS A 287 -7.31 16.94 17.20
CA CYS A 287 -6.12 17.26 16.40
C CYS A 287 -6.14 18.72 15.97
N VAL A 288 -7.29 19.20 15.50
CA VAL A 288 -7.47 20.61 15.16
C VAL A 288 -7.13 21.49 16.38
N THR A 289 -7.66 21.11 17.54
CA THR A 289 -7.45 21.88 18.76
C THR A 289 -5.96 22.01 19.11
N GLU A 290 -5.25 20.89 19.14
CA GLU A 290 -3.88 20.92 19.62
C GLU A 290 -3.02 21.70 18.61
N LEU A 291 -3.32 21.55 17.32
CA LEU A 291 -2.62 22.32 16.30
C LEU A 291 -2.91 23.85 16.40
N SER A 292 -4.18 24.18 16.68
CA SER A 292 -4.63 25.57 16.98
C SER A 292 -3.83 26.25 18.08
N VAL A 293 -3.61 25.56 19.21
CA VAL A 293 -2.76 26.08 20.25
C VAL A 293 -1.30 26.24 19.82
N HIS A 294 -0.75 25.28 19.06
CA HIS A 294 0.59 25.48 18.49
C HIS A 294 0.63 26.70 17.56
N HIS A 295 -0.33 26.77 16.64
CA HIS A 295 -0.42 27.85 15.64
C HIS A 295 -1.01 29.16 16.16
N ARG A 296 -1.45 29.15 17.42
CA ARG A 296 -2.13 30.29 18.07
C ARG A 296 -3.07 31.00 17.14
N ASN A 297 -3.93 30.21 16.50
CA ASN A 297 -5.03 30.70 15.68
C ASN A 297 -6.36 30.12 16.14
N ASN A 298 -7.45 30.48 15.47
CA ASN A 298 -8.76 29.93 15.82
C ASN A 298 -9.07 28.69 14.98
N ARG A 299 -10.04 27.88 15.44
CA ARG A 299 -10.22 26.54 14.88
C ARG A 299 -10.57 26.53 13.40
N GLN A 300 -11.34 27.53 12.96
CA GLN A 300 -11.68 27.64 11.53
C GLN A 300 -10.47 27.96 10.63
N THR A 301 -9.57 28.81 11.10
CA THR A 301 -8.30 29.08 10.40
C THR A 301 -7.46 27.79 10.31
N MET A 302 -7.36 27.05 11.43
CA MET A 302 -6.56 25.83 11.50
C MET A 302 -7.10 24.75 10.53
N GLU A 303 -8.44 24.61 10.48
CA GLU A 303 -9.11 23.68 9.56
C GLU A 303 -8.85 23.98 8.08
N ASP A 304 -9.04 25.23 7.68
CA ASP A 304 -8.74 25.67 6.32
C ASP A 304 -7.29 25.36 5.95
N LEU A 305 -6.38 25.64 6.88
CA LEU A 305 -4.96 25.40 6.73
C LEU A 305 -4.68 23.88 6.54
N ILE A 306 -5.23 23.04 7.41
CA ILE A 306 -5.06 21.58 7.28
C ILE A 306 -5.62 21.03 5.95
N SER A 307 -6.80 21.50 5.57
CA SER A 307 -7.56 20.95 4.45
C SER A 307 -7.01 21.33 3.05
N LEU A 308 -5.95 22.13 3.04
CA LEU A 308 -5.19 22.36 1.82
C LEU A 308 -4.32 21.12 1.48
N TRP A 309 -4.01 20.29 2.48
CA TRP A 309 -3.28 19.03 2.23
C TRP A 309 -2.05 19.20 1.35
N GLN A 310 -1.09 20.01 1.80
CA GLN A 310 0.08 20.31 0.99
C GLN A 310 1.22 19.33 1.18
N TYR A 311 1.03 18.38 2.11
CA TYR A 311 2.03 17.36 2.46
C TYR A 311 3.36 18.01 2.83
N ASP A 312 3.24 19.05 3.67
CA ASP A 312 4.38 19.72 4.30
C ASP A 312 4.37 19.22 5.73
N HIS A 313 5.10 19.90 6.60
CA HIS A 313 5.18 19.48 7.99
C HIS A 313 3.85 19.54 8.68
N LEU A 314 2.95 20.40 8.24
CA LEU A 314 1.62 20.45 8.87
C LEU A 314 0.84 19.17 8.56
N THR A 315 0.87 18.73 7.30
CA THR A 315 0.17 17.51 6.92
C THR A 315 0.73 16.39 7.76
N ALA A 316 2.07 16.32 7.82
CA ALA A 316 2.75 15.28 8.60
C ALA A 316 2.27 15.26 10.06
N THR A 317 2.36 16.43 10.72
CA THR A 317 1.95 16.57 12.12
C THR A 317 0.47 16.28 12.36
N TYR A 318 -0.40 16.84 11.53
CA TYR A 318 -1.83 16.51 11.65
C TYR A 318 -2.03 14.99 11.57
N LEU A 319 -1.57 14.38 10.48
CA LEU A 319 -1.80 12.96 10.24
C LEU A 319 -1.13 12.13 11.34
N LEU A 320 0.04 12.57 11.83
CA LEU A 320 0.73 11.83 12.90
C LEU A 320 0.06 12.00 14.28
N LEU A 321 -0.65 13.10 14.47
CA LEU A 321 -1.40 13.31 15.70
C LEU A 321 -2.62 12.40 15.66
N LEU A 322 -3.21 12.27 14.47
CA LEU A 322 -4.35 11.39 14.27
C LEU A 322 -3.95 9.94 14.55
N ALA A 323 -2.77 9.55 14.05
CA ALA A 323 -2.22 8.20 14.30
C ALA A 323 -1.86 7.98 15.77
N LYS A 324 -1.36 9.03 16.43
CA LYS A 324 -1.11 8.95 17.87
C LYS A 324 -2.42 8.62 18.58
N LYS A 325 -3.50 9.25 18.14
CA LYS A 325 -4.80 9.08 18.78
C LYS A 325 -5.38 7.68 18.59
N ALA A 326 -5.36 7.19 17.35
CA ALA A 326 -5.78 5.81 17.06
C ALA A 326 -4.98 4.76 17.84
N ARG A 327 -3.71 5.03 18.09
CA ARG A 327 -2.91 4.10 18.89
C ARG A 327 -3.19 4.26 20.37
N GLY A 328 -4.25 4.99 20.71
CA GLY A 328 -4.66 5.20 22.11
C GLY A 328 -3.69 6.01 22.93
N LYS A 329 -3.02 6.96 22.28
CA LYS A 329 -2.09 7.84 22.96
C LYS A 329 -2.69 9.24 23.00
N PRO A 330 -2.28 10.08 23.96
CA PRO A 330 -2.83 11.43 24.04
C PRO A 330 -2.46 12.28 22.83
N VAL A 331 -3.44 13.05 22.32
CA VAL A 331 -3.23 14.02 21.24
C VAL A 331 -2.39 15.20 21.75
N ARG A 332 -1.07 15.03 21.68
CA ARG A 332 -0.13 15.94 22.33
C ARG A 332 1.05 16.26 21.42
N LEU A 333 1.32 17.53 21.20
CA LEU A 333 2.56 17.93 20.54
C LEU A 333 3.69 18.04 21.57
N ARG A 334 4.93 18.03 21.11
CA ARG A 334 6.09 18.28 21.99
C ARG A 334 6.82 19.57 21.61
N LEU A 335 6.38 20.68 22.20
CA LEU A 335 6.81 22.01 21.78
C LEU A 335 8.08 22.47 22.50
O23 1WS B . 9.52 1.63 -0.33
C21 1WS B . 9.81 0.53 0.11
N22 1WS B . 10.29 -0.41 -0.70
C24 1WS B . 10.53 -0.31 -2.14
C25 1WS B . 9.41 -1.14 -2.78
C26 1WS B . 9.95 -2.08 -3.84
N27 1WS B . 8.94 -2.27 -4.86
C8 1WS B . 9.65 0.18 1.55
C7 1WS B . 8.95 0.99 2.58
C4 1WS B . 8.20 2.32 2.53
C3 1WS B . 7.20 2.46 3.68
N9 1WS B . 10.12 -0.93 2.17
N10 1WS B . 9.79 -0.93 3.55
C6 1WS B . 9.13 0.24 3.72
C1 1WS B . 8.54 0.67 4.91
C11 1WS B . 8.65 0.14 6.25
N12 1WS B . 7.85 0.85 7.07
N5 1WS B . 7.20 1.79 6.20
C2 1WS B . 7.60 1.68 4.90
N13 1WS B . 9.51 -0.88 6.53
C14 1WS B . 9.89 -1.44 7.71
C19 1WS B . 9.80 -0.77 8.94
C18 1WS B . 10.24 -1.43 10.11
F20 1WS B . 10.14 -0.80 11.29
C17 1WS B . 10.77 -2.73 10.06
C16 1WS B . 10.87 -3.39 8.83
C15 1WS B . 10.43 -2.73 7.67
#